data_6LFX
#
_entry.id   6LFX
#
_cell.length_a   91.842
_cell.length_b   91.842
_cell.length_c   53.969
_cell.angle_alpha   90.000
_cell.angle_beta   90.000
_cell.angle_gamma   90.000
#
_symmetry.space_group_name_H-M   'I 4'
#
loop_
_entity.id
_entity.type
_entity.pdbx_description
1 polymer PCB4scFv(hN56D)
2 non-polymer 1,2-bis(chloranyl)-4-(3-chloranyl-4-methoxy-phenyl)benzene
3 water water
#
_entity_poly.entity_id   1
_entity_poly.type   'polypeptide(L)'
_entity_poly.pdbx_seq_one_letter_code
;MDIQMTQTASSLSASLGDRVTISCRASQYINNYLNWYQQKPDGTVTLLIYYTSILHSGVPSRFIGSGSGTDYSLTISNLD
QEDIATYFCQQGYTLPLTFGAGTKLELKRPGGGGSGGGGSGGGGSVDEVKLVESGGGLVKPGGSLKLSCAASGFTFSTYG
MSWVRQTPEKRLEWVASISGGGDTYYTDIVKGRVTISRDNDRNILYLQMSSLRSEDTAMYHCTRGALVRLPHYYSMDYWG
QGTSVTVSSLVPR
;
_entity_poly.pdbx_strand_id   A
#
# COMPACT_ATOMS: atom_id res chain seq x y z
N MET A 1 -16.62 -7.74 12.28
CA MET A 1 -16.78 -6.54 11.47
C MET A 1 -15.40 -6.07 11.06
N ASP A 2 -15.30 -5.48 9.89
CA ASP A 2 -14.00 -5.05 9.38
C ASP A 2 -13.42 -3.97 10.29
N ILE A 3 -12.10 -3.94 10.39
CA ILE A 3 -11.44 -2.95 11.21
C ILE A 3 -11.24 -1.70 10.35
N GLN A 4 -11.81 -0.58 10.79
CA GLN A 4 -11.70 0.64 10.01
C GLN A 4 -10.50 1.43 10.50
N MET A 5 -9.68 1.89 9.57
CA MET A 5 -8.51 2.68 9.89
C MET A 5 -8.79 4.14 9.56
N THR A 6 -8.62 5.03 10.54
CA THR A 6 -8.97 6.44 10.38
C THR A 6 -7.70 7.27 10.45
N GLN A 7 -7.44 8.03 9.39
CA GLN A 7 -6.39 9.06 9.38
C GLN A 7 -7.17 10.38 9.31
N THR A 8 -7.33 11.05 10.45
CA THR A 8 -8.24 12.20 10.49
C THR A 8 -7.82 13.29 9.51
N ALA A 9 -6.51 13.56 9.39
CA ALA A 9 -6.08 14.63 8.49
C ALA A 9 -5.81 14.04 7.11
N SER A 10 -6.22 14.76 6.07
CA SER A 10 -5.88 14.34 4.72
C SER A 10 -4.60 15.00 4.23
N SER A 11 -4.25 16.16 4.76
CA SER A 11 -2.94 16.73 4.47
CA SER A 11 -2.97 16.78 4.43
C SER A 11 -2.49 17.61 5.61
N LEU A 12 -1.17 17.63 5.80
CA LEU A 12 -0.55 18.49 6.80
C LEU A 12 0.46 19.37 6.09
N SER A 13 0.46 20.66 6.43
CA SER A 13 1.34 21.66 5.82
CA SER A 13 1.37 21.61 5.80
C SER A 13 2.49 21.97 6.77
N ALA A 14 3.72 21.93 6.26
CA ALA A 14 4.89 22.10 7.13
C ALA A 14 6.00 22.77 6.33
N SER A 15 7.09 23.12 7.00
CA SER A 15 8.25 23.66 6.33
C SER A 15 9.40 22.67 6.42
N LEU A 16 10.36 22.81 5.50
CA LEU A 16 11.53 21.95 5.51
C LEU A 16 12.23 22.03 6.87
N GLY A 17 12.62 20.87 7.38
CA GLY A 17 13.25 20.79 8.68
C GLY A 17 12.28 20.62 9.82
N ASP A 18 10.98 20.79 9.58
CA ASP A 18 10.03 20.69 10.68
C ASP A 18 9.85 19.24 11.10
N ARG A 19 9.20 19.07 12.24
CA ARG A 19 8.76 17.76 12.72
C ARG A 19 7.24 17.71 12.62
N VAL A 20 6.72 16.63 12.03
CA VAL A 20 5.27 16.48 11.90
CA VAL A 20 5.29 16.46 11.82
C VAL A 20 4.88 15.08 12.32
N THR A 21 3.70 14.98 12.94
CA THR A 21 3.19 13.67 13.34
C THR A 21 1.85 13.41 12.63
N ILE A 22 1.74 12.24 12.03
CA ILE A 22 0.52 11.79 11.35
C ILE A 22 -0.17 10.76 12.24
N SER A 23 -1.48 10.97 12.50
CA SER A 23 -2.22 10.05 13.34
CA SER A 23 -2.25 10.08 13.34
CA SER A 23 -2.29 10.11 13.34
C SER A 23 -2.95 8.99 12.52
N CYS A 24 -3.08 7.82 13.15
CA CYS A 24 -3.82 6.68 12.57
C CYS A 24 -4.55 6.01 13.72
N ARG A 25 -5.86 5.82 13.63
CA ARG A 25 -6.61 5.15 14.68
C ARG A 25 -7.31 3.93 14.09
N ALA A 26 -7.27 2.82 14.81
CA ALA A 26 -7.99 1.62 14.40
C ALA A 26 -9.30 1.55 15.17
N SER A 27 -10.33 0.98 14.55
CA SER A 27 -11.62 0.89 15.24
C SER A 27 -11.65 -0.22 16.27
N GLN A 28 -10.66 -1.08 16.28
CA GLN A 28 -10.55 -2.18 17.23
C GLN A 28 -9.08 -2.37 17.55
N TYR A 29 -8.80 -3.05 18.65
CA TYR A 29 -7.45 -3.47 19.01
C TYR A 29 -6.78 -4.23 17.86
N ILE A 30 -5.51 -3.91 17.55
CA ILE A 30 -4.81 -4.60 16.46
C ILE A 30 -3.45 -5.14 16.89
N ASN A 31 -3.16 -5.16 18.19
CA ASN A 31 -1.97 -5.87 18.72
C ASN A 31 -0.68 -5.30 18.15
N ASN A 32 -0.65 -3.99 17.83
CA ASN A 32 0.53 -3.33 17.27
C ASN A 32 0.91 -3.85 15.89
N TYR A 33 0.04 -4.59 15.23
CA TYR A 33 0.28 -5.09 13.88
C TYR A 33 -0.13 -4.00 12.89
N LEU A 34 0.68 -2.94 12.85
CA LEU A 34 0.40 -1.75 12.07
C LEU A 34 1.60 -1.47 11.18
N ASN A 35 1.33 -1.33 9.88
CA ASN A 35 2.33 -0.97 8.89
C ASN A 35 2.06 0.42 8.34
N TRP A 36 3.14 1.12 7.95
CA TRP A 36 3.03 2.40 7.26
C TRP A 36 3.66 2.31 5.88
N TYR A 37 2.99 2.90 4.89
CA TYR A 37 3.47 2.96 3.52
C TYR A 37 3.59 4.42 3.09
N GLN A 38 4.56 4.68 2.22
CA GLN A 38 4.77 5.99 1.62
C GLN A 38 4.49 5.89 0.14
N GLN A 39 3.64 6.80 -0.37
CA GLN A 39 3.41 6.88 -1.80
C GLN A 39 3.90 8.22 -2.33
N LYS A 40 4.88 8.17 -3.22
CA LYS A 40 5.43 9.40 -3.77
CA LYS A 40 5.44 9.40 -3.78
C LYS A 40 4.42 10.06 -4.71
N PRO A 41 4.62 11.33 -5.06
CA PRO A 41 3.70 11.98 -6.00
C PRO A 41 3.53 11.24 -7.32
N ASP A 42 4.58 10.57 -7.80
CA ASP A 42 4.48 9.83 -9.05
C ASP A 42 3.73 8.50 -8.91
N GLY A 43 3.29 8.14 -7.70
CA GLY A 43 2.53 6.95 -7.48
C GLY A 43 3.29 5.80 -6.85
N THR A 44 4.63 5.87 -6.80
CA THR A 44 5.42 4.75 -6.30
CA THR A 44 5.44 4.76 -6.29
C THR A 44 5.17 4.53 -4.81
N VAL A 45 4.87 3.29 -4.45
CA VAL A 45 4.59 2.91 -3.06
C VAL A 45 5.76 2.11 -2.51
N THR A 46 6.18 2.44 -1.29
CA THR A 46 7.16 1.62 -0.57
C THR A 46 6.67 1.40 0.87
N LEU A 47 7.13 0.30 1.46
CA LEU A 47 7.00 0.12 2.89
C LEU A 47 7.93 1.07 3.63
N LEU A 48 7.39 1.70 4.67
CA LEU A 48 8.15 2.61 5.50
C LEU A 48 8.48 1.98 6.85
N ILE A 49 7.46 1.51 7.56
CA ILE A 49 7.55 0.99 8.91
C ILE A 49 6.64 -0.23 9.02
N TYR A 50 7.08 -1.24 9.76
CA TYR A 50 6.23 -2.38 10.07
C TYR A 50 6.28 -2.65 11.55
N TYR A 51 5.28 -3.39 12.04
CA TYR A 51 5.16 -3.73 13.45
C TYR A 51 5.27 -2.47 14.32
N THR A 52 4.50 -1.44 13.93
CA THR A 52 4.39 -0.16 14.63
C THR A 52 5.61 0.72 14.48
N SER A 53 6.83 0.17 14.67
CA SER A 53 8.02 1.00 14.87
C SER A 53 9.28 0.53 14.15
N ILE A 54 9.26 -0.56 13.38
CA ILE A 54 10.49 -1.09 12.78
C ILE A 54 10.66 -0.51 11.38
N LEU A 55 11.82 0.06 11.09
CA LEU A 55 12.08 0.66 9.78
C LEU A 55 12.33 -0.41 8.73
N HIS A 56 11.70 -0.24 7.57
CA HIS A 56 12.01 -1.05 6.41
C HIS A 56 13.38 -0.65 5.86
N SER A 57 13.96 -1.55 5.04
CA SER A 57 15.22 -1.29 4.35
C SER A 57 15.22 0.07 3.65
N GLY A 58 16.31 0.80 3.82
N GLY A 58 16.32 0.80 3.83
CA GLY A 58 16.44 2.06 3.12
CA GLY A 58 16.53 2.06 3.17
C GLY A 58 15.58 3.18 3.63
C GLY A 58 15.94 3.27 3.88
N VAL A 59 15.02 3.04 4.83
CA VAL A 59 14.27 4.13 5.45
C VAL A 59 15.14 4.77 6.52
N PRO A 60 15.28 6.09 6.51
CA PRO A 60 16.16 6.75 7.50
C PRO A 60 15.48 6.88 8.85
N SER A 61 16.31 7.00 9.89
CA SER A 61 15.83 7.05 11.26
C SER A 61 15.09 8.35 11.61
N ARG A 62 14.91 9.26 10.65
CA ARG A 62 14.04 10.41 10.85
CA ARG A 62 14.05 10.41 10.91
C ARG A 62 12.57 10.03 10.97
N PHE A 63 12.22 8.81 10.59
CA PHE A 63 10.85 8.31 10.69
C PHE A 63 10.76 7.50 11.97
N ILE A 64 9.82 7.88 12.85
CA ILE A 64 9.58 7.20 14.12
C ILE A 64 8.12 6.77 14.17
N GLY A 65 7.90 5.47 14.24
CA GLY A 65 6.55 4.93 14.42
C GLY A 65 6.31 4.63 15.89
N SER A 66 5.11 4.92 16.37
CA SER A 66 4.79 4.67 17.77
C SER A 66 3.30 4.36 17.89
N GLY A 67 2.91 3.92 19.08
CA GLY A 67 1.50 3.69 19.36
C GLY A 67 1.26 2.31 19.92
N SER A 68 -0.01 2.09 20.27
CA SER A 68 -0.47 0.84 20.87
C SER A 68 -1.99 0.88 20.93
N GLY A 69 -2.59 -0.27 21.17
CA GLY A 69 -4.03 -0.31 21.31
C GLY A 69 -4.72 0.02 20.00
N THR A 70 -5.43 1.15 19.99
CA THR A 70 -6.04 1.64 18.77
C THR A 70 -5.39 2.91 18.23
N ASP A 71 -4.44 3.52 18.92
CA ASP A 71 -3.92 4.84 18.52
C ASP A 71 -2.46 4.75 18.11
N TYR A 72 -2.15 5.20 16.89
CA TYR A 72 -0.82 5.05 16.30
C TYR A 72 -0.39 6.37 15.68
N SER A 73 0.91 6.56 15.57
CA SER A 73 1.43 7.78 15.00
CA SER A 73 1.47 7.80 15.06
C SER A 73 2.71 7.51 14.23
N LEU A 74 2.92 8.33 13.23
CA LEU A 74 4.14 8.35 12.46
C LEU A 74 4.71 9.75 12.60
N THR A 75 5.90 9.88 13.20
CA THR A 75 6.51 11.20 13.39
C THR A 75 7.71 11.32 12.47
N ILE A 76 7.73 12.38 11.67
CA ILE A 76 8.81 12.59 10.71
C ILE A 76 9.56 13.81 11.22
N SER A 77 10.84 13.64 11.54
CA SER A 77 11.68 14.75 11.96
CA SER A 77 11.69 14.75 11.94
C SER A 77 12.54 15.22 10.79
N ASN A 78 12.98 16.49 10.87
CA ASN A 78 13.87 17.06 9.87
C ASN A 78 13.33 16.88 8.45
N LEU A 79 12.07 17.29 8.28
CA LEU A 79 11.32 17.08 7.04
C LEU A 79 12.16 17.48 5.83
N ASP A 80 12.25 16.56 4.88
CA ASP A 80 13.05 16.71 3.67
C ASP A 80 12.15 16.74 2.44
N GLN A 81 12.66 17.30 1.33
CA GLN A 81 11.91 17.28 0.07
C GLN A 81 11.44 15.89 -0.31
N GLU A 82 12.25 14.86 -0.05
CA GLU A 82 11.89 13.50 -0.43
CA GLU A 82 11.87 13.52 -0.45
C GLU A 82 10.71 12.97 0.37
N ASP A 83 10.36 13.63 1.48
CA ASP A 83 9.27 13.16 2.32
C ASP A 83 7.92 13.71 1.89
N ILE A 84 7.90 14.58 0.89
CA ILE A 84 6.63 15.13 0.42
C ILE A 84 5.94 14.03 -0.38
N ALA A 85 4.88 13.49 0.18
CA ALA A 85 4.36 12.18 -0.23
C ALA A 85 3.08 11.97 0.56
N THR A 86 2.38 10.86 0.27
CA THR A 86 1.19 10.49 1.02
C THR A 86 1.53 9.27 1.87
N TYR A 87 1.08 9.27 3.13
CA TYR A 87 1.40 8.21 4.07
C TYR A 87 0.11 7.47 4.43
N PHE A 88 0.15 6.14 4.35
CA PHE A 88 -1.01 5.29 4.64
C PHE A 88 -0.65 4.31 5.73
N CYS A 89 -1.53 4.19 6.71
CA CYS A 89 -1.38 3.12 7.68
C CYS A 89 -2.21 1.91 7.25
N GLN A 90 -1.88 0.75 7.84
CA GLN A 90 -2.55 -0.50 7.46
C GLN A 90 -2.48 -1.47 8.61
N GLN A 91 -3.63 -2.05 8.99
CA GLN A 91 -3.60 -3.10 10.02
C GLN A 91 -3.48 -4.46 9.37
N GLY A 92 -2.67 -5.33 9.99
CA GLY A 92 -2.47 -6.69 9.53
C GLY A 92 -2.85 -7.73 10.56
N TYR A 93 -3.75 -7.35 11.48
CA TYR A 93 -4.20 -8.21 12.57
C TYR A 93 -5.25 -9.21 12.12
N THR A 94 -6.27 -8.76 11.37
CA THR A 94 -7.37 -9.62 10.98
CA THR A 94 -7.32 -9.67 10.94
C THR A 94 -7.74 -9.32 9.53
N LEU A 95 -8.39 -10.28 8.87
CA LEU A 95 -8.89 -10.02 7.53
C LEU A 95 -10.27 -9.38 7.58
N PRO A 96 -10.63 -8.53 6.62
CA PRO A 96 -9.75 -8.10 5.53
C PRO A 96 -8.65 -7.16 6.03
N LEU A 97 -7.47 -7.23 5.40
CA LEU A 97 -6.45 -6.21 5.64
C LEU A 97 -7.04 -4.87 5.22
N THR A 98 -6.84 -3.84 6.05
CA THR A 98 -7.46 -2.54 5.78
C THR A 98 -6.46 -1.41 5.94
N PHE A 99 -6.68 -0.36 5.14
CA PHE A 99 -5.79 0.79 5.08
C PHE A 99 -6.54 2.04 5.49
N GLY A 100 -5.78 3.00 6.07
CA GLY A 100 -6.34 4.34 6.22
C GLY A 100 -6.38 5.04 4.89
N ALA A 101 -7.08 6.17 4.85
CA ALA A 101 -7.29 6.90 3.59
C ALA A 101 -6.12 7.76 3.18
N GLY A 102 -5.09 7.87 3.99
CA GLY A 102 -3.90 8.60 3.60
C GLY A 102 -3.83 10.01 4.16
N THR A 103 -2.60 10.43 4.47
CA THR A 103 -2.31 11.80 4.87
C THR A 103 -1.13 12.27 4.06
N LYS A 104 -1.32 13.33 3.28
CA LYS A 104 -0.25 13.95 2.49
C LYS A 104 0.54 14.92 3.35
N LEU A 105 1.84 15.03 3.08
CA LEU A 105 2.64 16.09 3.66
C LEU A 105 2.93 17.09 2.54
N GLU A 106 2.71 18.37 2.79
CA GLU A 106 2.94 19.43 1.80
C GLU A 106 3.74 20.55 2.44
N LEU A 107 4.46 21.31 1.63
CA LEU A 107 5.24 22.45 2.14
C LEU A 107 4.40 23.72 2.08
N LYS A 108 4.85 24.75 2.81
CA LYS A 108 4.11 26.01 2.83
C LYS A 108 4.09 26.67 1.46
N ARG A 109 5.11 26.51 0.73
N ARG A 109 5.15 26.46 0.67
CA ARG A 109 5.01 26.99 -0.64
CA ARG A 109 5.27 26.87 -0.72
C ARG A 109 4.48 25.86 -1.51
C ARG A 109 5.99 25.75 -1.45
N PRO A 110 3.83 26.17 -2.64
N PRO A 110 5.69 25.53 -2.75
CA PRO A 110 3.42 25.11 -3.56
CA PRO A 110 6.31 24.41 -3.46
C PRO A 110 4.63 24.35 -4.06
C PRO A 110 7.83 24.44 -3.35
N GLY A 111 4.39 23.11 -4.46
N GLY A 111 8.41 23.35 -2.81
CA GLY A 111 5.47 22.26 -4.94
CA GLY A 111 9.83 23.25 -2.57
C GLY A 111 6.13 21.48 -3.84
C GLY A 111 10.34 23.93 -1.32
N GLY A 112 7.18 20.76 -4.23
N GLY A 112 9.47 24.67 -0.62
CA GLY A 112 7.85 19.87 -3.32
CA GLY A 112 9.81 25.22 0.69
C GLY A 112 8.02 18.47 -3.86
C GLY A 112 11.03 26.10 0.75
N GLY A 113 9.06 17.78 -3.37
N GLY A 113 11.43 26.71 -0.37
CA GLY A 113 9.22 16.38 -3.71
CA GLY A 113 12.62 27.53 -0.35
C GLY A 113 10.59 16.07 -4.32
C GLY A 113 13.93 26.76 -0.31
N GLY A 114 11.01 14.81 -4.18
N GLY A 114 13.88 25.44 -0.49
CA GLY A 114 12.30 14.40 -4.70
CA GLY A 114 15.09 24.64 -0.55
C GLY A 114 12.49 12.92 -4.46
C GLY A 114 15.31 24.04 -1.91
N SER A 115 13.58 12.39 -5.02
N SER A 115 16.01 22.91 -1.97
CA SER A 115 13.83 10.96 -4.93
CA SER A 115 16.24 22.23 -3.23
C SER A 115 14.96 10.62 -3.96
C SER A 115 16.59 20.76 -3.02
N GLU A 128 16.92 -4.74 -5.37
CA GLU A 128 17.05 -5.91 -6.22
C GLU A 128 15.72 -6.62 -6.44
N VAL A 129 14.75 -6.37 -5.55
CA VAL A 129 13.43 -6.96 -5.71
C VAL A 129 12.68 -6.17 -6.77
N LYS A 130 12.17 -6.87 -7.79
CA LYS A 130 11.46 -6.27 -8.91
C LYS A 130 10.12 -7.00 -9.08
N LEU A 131 9.04 -6.24 -9.21
CA LEU A 131 7.70 -6.79 -9.45
C LEU A 131 7.12 -5.96 -10.58
N VAL A 132 6.74 -6.60 -11.70
CA VAL A 132 6.27 -5.87 -12.88
C VAL A 132 4.90 -6.42 -13.29
N GLU A 133 3.86 -5.61 -13.08
CA GLU A 133 2.50 -6.01 -13.45
C GLU A 133 2.19 -5.72 -14.91
N SER A 134 1.30 -6.55 -15.47
CA SER A 134 0.79 -6.35 -16.81
C SER A 134 -0.63 -6.93 -16.86
N GLY A 135 -1.31 -6.69 -17.99
CA GLY A 135 -2.60 -7.28 -18.25
C GLY A 135 -3.81 -6.41 -17.96
N GLY A 136 -3.62 -5.21 -17.44
CA GLY A 136 -4.76 -4.33 -17.25
C GLY A 136 -5.30 -3.86 -18.58
N GLY A 137 -6.46 -3.22 -18.53
CA GLY A 137 -7.04 -2.67 -19.74
C GLY A 137 -8.44 -2.13 -19.50
N LEU A 138 -9.18 -1.92 -20.59
CA LEU A 138 -10.53 -1.37 -20.54
C LEU A 138 -11.51 -2.49 -20.86
N VAL A 139 -12.54 -2.63 -20.04
CA VAL A 139 -13.61 -3.58 -20.28
C VAL A 139 -14.94 -2.97 -19.87
N LYS A 140 -16.02 -3.51 -20.44
CA LYS A 140 -17.35 -3.16 -20.01
C LYS A 140 -17.70 -3.93 -18.75
N PRO A 141 -18.68 -3.46 -17.98
CA PRO A 141 -19.18 -4.25 -16.86
C PRO A 141 -19.57 -5.66 -17.32
N GLY A 142 -19.22 -6.65 -16.50
CA GLY A 142 -19.40 -8.04 -16.86
C GLY A 142 -18.23 -8.65 -17.60
N GLY A 143 -17.25 -7.84 -18.00
CA GLY A 143 -16.09 -8.32 -18.72
C GLY A 143 -15.07 -8.99 -17.82
N SER A 144 -13.94 -9.35 -18.43
CA SER A 144 -12.92 -10.13 -17.73
CA SER A 144 -12.93 -10.15 -17.75
C SER A 144 -11.53 -9.73 -18.20
N LEU A 145 -10.56 -9.89 -17.30
CA LEU A 145 -9.16 -9.60 -17.54
C LEU A 145 -8.35 -10.65 -16.80
N LYS A 146 -7.08 -10.82 -17.18
CA LYS A 146 -6.15 -11.56 -16.33
C LYS A 146 -4.90 -10.73 -16.14
N LEU A 147 -4.63 -10.38 -14.89
CA LEU A 147 -3.41 -9.64 -14.56
C LEU A 147 -2.26 -10.59 -14.26
N SER A 148 -1.05 -10.15 -14.60
CA SER A 148 0.16 -10.88 -14.32
C SER A 148 1.13 -9.99 -13.58
N CYS A 149 1.99 -10.60 -12.78
CA CYS A 149 3.03 -9.89 -12.05
CA CYS A 149 3.03 -9.89 -12.07
C CYS A 149 4.30 -10.73 -12.16
N ALA A 150 5.30 -10.21 -12.88
CA ALA A 150 6.55 -10.94 -13.04
C ALA A 150 7.50 -10.52 -11.91
N ALA A 151 7.97 -11.50 -11.15
CA ALA A 151 8.80 -11.24 -9.98
C ALA A 151 10.24 -11.67 -10.23
N SER A 152 11.19 -10.88 -9.73
CA SER A 152 12.59 -11.26 -9.83
C SER A 152 13.37 -10.65 -8.69
N GLY A 153 14.59 -11.15 -8.49
CA GLY A 153 15.45 -10.62 -7.46
C GLY A 153 15.29 -11.25 -6.10
N PHE A 154 14.49 -12.30 -5.99
CA PHE A 154 14.29 -12.95 -4.71
C PHE A 154 13.76 -14.35 -4.98
N THR A 155 13.76 -15.19 -3.95
CA THR A 155 13.28 -16.56 -4.08
C THR A 155 11.76 -16.51 -3.95
N PHE A 156 11.11 -16.36 -5.12
CA PHE A 156 9.68 -16.08 -5.20
C PHE A 156 8.83 -17.09 -4.44
N SER A 157 9.15 -18.36 -4.57
CA SER A 157 8.35 -19.42 -3.97
C SER A 157 8.32 -19.37 -2.44
N THR A 158 9.27 -18.68 -1.79
CA THR A 158 9.21 -18.68 -0.34
C THR A 158 8.27 -17.63 0.22
N TYR A 159 7.83 -16.66 -0.58
CA TYR A 159 7.09 -15.50 -0.08
C TYR A 159 5.59 -15.58 -0.34
N GLY A 160 4.81 -15.17 0.65
CA GLY A 160 3.45 -14.76 0.37
C GLY A 160 3.43 -13.59 -0.62
N MET A 161 2.33 -13.48 -1.37
CA MET A 161 2.18 -12.41 -2.36
C MET A 161 0.75 -11.92 -2.35
N SER A 162 0.54 -10.65 -2.71
CA SER A 162 -0.80 -10.09 -2.67
C SER A 162 -1.06 -9.21 -3.88
N TRP A 163 -2.33 -8.90 -4.09
CA TRP A 163 -2.77 -7.81 -4.94
C TRP A 163 -3.45 -6.76 -4.07
N VAL A 164 -3.07 -5.50 -4.25
CA VAL A 164 -3.69 -4.35 -3.58
C VAL A 164 -4.03 -3.36 -4.68
N ARG A 165 -5.25 -2.83 -4.66
CA ARG A 165 -5.66 -1.87 -5.69
C ARG A 165 -5.80 -0.49 -5.10
N GLN A 166 -5.53 0.53 -5.92
CA GLN A 166 -5.77 1.91 -5.52
C GLN A 166 -6.85 2.49 -6.42
N THR A 167 -7.96 2.90 -5.81
CA THR A 167 -9.10 3.37 -6.58
C THR A 167 -8.81 4.76 -7.15
N PRO A 168 -9.64 5.25 -8.07
CA PRO A 168 -9.41 6.62 -8.58
C PRO A 168 -9.54 7.68 -7.50
N GLU A 169 -10.21 7.38 -6.38
CA GLU A 169 -10.27 8.27 -5.24
C GLU A 169 -9.06 8.12 -4.33
N LYS A 170 -8.09 7.31 -4.73
CA LYS A 170 -6.81 7.16 -4.07
C LYS A 170 -6.86 6.29 -2.83
N ARG A 171 -7.92 5.52 -2.63
N ARG A 171 -7.92 5.50 -2.65
CA ARG A 171 -7.99 4.60 -1.51
CA ARG A 171 -7.99 4.59 -1.52
C ARG A 171 -7.25 3.31 -1.86
C ARG A 171 -7.29 3.28 -1.85
N LEU A 172 -6.51 2.78 -0.89
CA LEU A 172 -5.89 1.47 -1.05
C LEU A 172 -6.82 0.39 -0.49
N GLU A 173 -7.03 -0.64 -1.29
CA GLU A 173 -7.90 -1.76 -0.91
C GLU A 173 -7.19 -3.06 -1.17
N TRP A 174 -7.00 -3.85 -0.12
CA TRP A 174 -6.45 -5.19 -0.31
C TRP A 174 -7.45 -6.04 -1.08
N VAL A 175 -6.95 -6.75 -2.10
CA VAL A 175 -7.82 -7.58 -2.93
C VAL A 175 -7.71 -9.05 -2.54
N ALA A 176 -6.49 -9.59 -2.55
CA ALA A 176 -6.29 -11.01 -2.34
C ALA A 176 -4.84 -11.26 -1.97
N SER A 177 -4.61 -12.38 -1.28
CA SER A 177 -3.26 -12.84 -0.96
C SER A 177 -3.16 -14.34 -1.17
N ILE A 178 -1.94 -14.81 -1.43
CA ILE A 178 -1.66 -16.22 -1.58
C ILE A 178 -0.38 -16.54 -0.81
N SER A 179 -0.43 -17.57 0.03
CA SER A 179 0.74 -17.96 0.80
C SER A 179 1.77 -18.64 -0.10
N GLY A 180 3.00 -18.73 0.41
CA GLY A 180 4.03 -19.50 -0.29
C GLY A 180 3.56 -20.88 -0.68
N GLY A 181 2.78 -21.52 0.20
CA GLY A 181 2.28 -22.86 -0.09
C GLY A 181 1.01 -22.91 -0.93
N GLY A 182 0.40 -21.78 -1.26
CA GLY A 182 -0.72 -21.75 -2.17
C GLY A 182 -2.09 -21.53 -1.54
N ASP A 183 -2.17 -21.28 -0.24
CA ASP A 183 -3.46 -20.98 0.38
C ASP A 183 -3.90 -19.58 -0.06
N THR A 184 -5.21 -19.40 -0.28
CA THR A 184 -5.69 -18.12 -0.79
C THR A 184 -6.70 -17.45 0.12
N TYR A 185 -6.67 -16.10 0.07
CA TYR A 185 -7.47 -15.22 0.92
C TYR A 185 -7.96 -14.05 0.08
N TYR A 186 -9.23 -13.66 0.24
CA TYR A 186 -9.77 -12.56 -0.55
C TYR A 186 -10.58 -11.62 0.32
N THR A 187 -10.65 -10.34 -0.11
CA THR A 187 -11.62 -9.45 0.52
C THR A 187 -13.03 -9.81 0.04
N ASP A 188 -14.02 -9.65 0.93
CA ASP A 188 -15.35 -10.15 0.62
C ASP A 188 -15.90 -9.63 -0.71
N ILE A 189 -15.66 -8.36 -1.02
CA ILE A 189 -16.32 -7.75 -2.18
C ILE A 189 -15.83 -8.28 -3.50
N VAL A 190 -14.73 -9.05 -3.53
CA VAL A 190 -14.25 -9.66 -4.76
C VAL A 190 -14.42 -11.18 -4.75
N LYS A 191 -14.80 -11.76 -3.63
CA LYS A 191 -14.89 -13.22 -3.54
C LYS A 191 -15.85 -13.75 -4.59
N GLY A 192 -15.41 -14.78 -5.32
CA GLY A 192 -16.21 -15.34 -6.39
C GLY A 192 -16.16 -14.57 -7.69
N ARG A 193 -15.39 -13.50 -7.77
CA ARG A 193 -15.23 -12.75 -9.01
C ARG A 193 -13.79 -12.65 -9.43
N VAL A 194 -12.83 -12.95 -8.55
CA VAL A 194 -11.41 -12.96 -8.91
C VAL A 194 -10.77 -14.20 -8.33
N THR A 195 -9.67 -14.63 -8.94
CA THR A 195 -8.86 -15.76 -8.45
C THR A 195 -7.40 -15.36 -8.48
N ILE A 196 -6.72 -15.47 -7.32
CA ILE A 196 -5.27 -15.27 -7.23
C ILE A 196 -4.60 -16.63 -7.38
N SER A 197 -3.50 -16.68 -8.13
CA SER A 197 -2.77 -17.92 -8.35
C SER A 197 -1.30 -17.58 -8.62
N ARG A 198 -0.44 -18.59 -8.57
CA ARG A 198 0.98 -18.31 -8.78
C ARG A 198 1.63 -19.45 -9.53
N ASP A 199 2.66 -19.13 -10.32
CA ASP A 199 3.51 -20.10 -11.00
C ASP A 199 4.88 -19.98 -10.37
N ASN A 200 5.25 -20.96 -9.53
CA ASN A 200 6.52 -20.93 -8.84
C ASN A 200 7.68 -21.40 -9.70
N ASP A 201 7.42 -21.85 -10.92
CA ASP A 201 8.50 -22.16 -11.85
C ASP A 201 8.88 -20.93 -12.68
N ARG A 202 7.88 -20.15 -13.08
CA ARG A 202 8.11 -18.96 -13.88
C ARG A 202 8.22 -17.69 -13.04
N ASN A 203 7.92 -17.78 -11.74
CA ASN A 203 7.94 -16.64 -10.83
C ASN A 203 6.94 -15.56 -11.27
N ILE A 204 5.70 -15.98 -11.46
CA ILE A 204 4.62 -15.08 -11.88
C ILE A 204 3.45 -15.22 -10.94
N LEU A 205 2.91 -14.08 -10.52
CA LEU A 205 1.66 -14.02 -9.75
C LEU A 205 0.53 -13.56 -10.67
N TYR A 206 -0.64 -14.17 -10.55
CA TYR A 206 -1.76 -13.85 -11.42
C TYR A 206 -2.98 -13.39 -10.63
N LEU A 207 -3.83 -12.61 -11.30
CA LEU A 207 -5.16 -12.31 -10.79
C LEU A 207 -6.13 -12.45 -11.96
N GLN A 208 -6.90 -13.53 -11.99
CA GLN A 208 -7.96 -13.67 -12.99
CA GLN A 208 -7.96 -13.67 -12.99
C GLN A 208 -9.17 -12.91 -12.47
N MET A 209 -9.78 -12.08 -13.31
CA MET A 209 -10.93 -11.28 -12.89
C MET A 209 -12.08 -11.59 -13.83
N SER A 210 -13.22 -11.98 -13.27
CA SER A 210 -14.43 -12.22 -14.04
C SER A 210 -15.52 -11.30 -13.52
N SER A 211 -16.56 -11.11 -14.34
CA SER A 211 -17.72 -10.33 -13.96
C SER A 211 -17.33 -8.97 -13.35
N LEU A 212 -16.47 -8.25 -14.05
CA LEU A 212 -15.96 -6.98 -13.57
C LEU A 212 -17.09 -5.97 -13.37
N ARG A 213 -16.92 -5.08 -12.41
CA ARG A 213 -17.90 -4.05 -12.07
C ARG A 213 -17.22 -2.71 -12.16
N SER A 214 -18.01 -1.64 -12.38
CA SER A 214 -17.40 -0.32 -12.51
C SER A 214 -16.52 0.01 -11.30
N GLU A 215 -16.93 -0.43 -10.11
CA GLU A 215 -16.17 -0.12 -8.90
C GLU A 215 -14.90 -0.96 -8.75
N ASP A 216 -14.64 -1.88 -9.69
CA ASP A 216 -13.32 -2.53 -9.76
C ASP A 216 -12.27 -1.68 -10.47
N THR A 217 -12.66 -0.54 -11.03
CA THR A 217 -11.70 0.35 -11.69
C THR A 217 -10.66 0.82 -10.67
N ALA A 218 -9.39 0.58 -10.96
CA ALA A 218 -8.33 0.87 -10.00
C ALA A 218 -7.00 0.54 -10.65
N MET A 219 -5.91 1.02 -10.03
CA MET A 219 -4.57 0.55 -10.34
C MET A 219 -4.29 -0.67 -9.48
N TYR A 220 -3.93 -1.78 -10.11
CA TYR A 220 -3.70 -3.03 -9.38
C TYR A 220 -2.21 -3.24 -9.18
N HIS A 221 -1.79 -3.32 -7.92
CA HIS A 221 -0.39 -3.52 -7.57
C HIS A 221 -0.16 -4.94 -7.03
N CYS A 222 0.90 -5.57 -7.50
CA CYS A 222 1.31 -6.77 -6.80
CA CYS A 222 1.43 -6.79 -6.92
C CYS A 222 2.35 -6.41 -5.76
N THR A 223 2.25 -7.11 -4.63
CA THR A 223 3.11 -6.84 -3.49
C THR A 223 3.67 -8.14 -2.96
N ARG A 224 4.90 -8.07 -2.45
CA ARG A 224 5.53 -9.18 -1.76
C ARG A 224 5.18 -9.09 -0.30
N GLY A 225 4.80 -10.22 0.30
N GLY A 225 4.76 -10.21 0.28
CA GLY A 225 4.46 -10.25 1.72
CA GLY A 225 4.52 -10.30 1.71
C GLY A 225 5.52 -10.88 2.60
C GLY A 225 5.77 -10.78 2.41
N ALA A 226 6.15 -10.07 3.46
CA ALA A 226 7.19 -10.52 4.38
C ALA A 226 6.51 -10.93 5.67
N LEU A 227 6.75 -12.16 6.11
CA LEU A 227 6.12 -12.63 7.33
C LEU A 227 6.83 -12.03 8.54
N VAL A 228 6.11 -11.23 9.31
CA VAL A 228 6.68 -10.54 10.46
C VAL A 228 6.51 -11.36 11.73
N ARG A 229 5.32 -11.87 11.98
CA ARG A 229 5.05 -12.72 13.13
C ARG A 229 4.07 -13.83 12.74
N LEU A 230 4.36 -15.04 13.19
CA LEU A 230 3.43 -16.15 12.97
C LEU A 230 2.17 -15.94 13.80
N PRO A 231 1.03 -16.46 13.34
CA PRO A 231 0.87 -17.26 12.11
C PRO A 231 0.77 -16.47 10.82
N HIS A 232 0.30 -15.23 10.84
CA HIS A 232 0.02 -14.59 9.57
C HIS A 232 0.01 -13.07 9.64
N TYR A 233 0.95 -12.49 10.37
CA TYR A 233 1.12 -11.04 10.33
C TYR A 233 2.22 -10.73 9.33
N TYR A 234 1.84 -10.03 8.25
CA TYR A 234 2.73 -9.71 7.15
C TYR A 234 2.88 -8.21 6.99
N SER A 235 4.01 -7.81 6.39
CA SER A 235 4.12 -6.49 5.80
C SER A 235 4.19 -6.67 4.29
N MET A 236 3.81 -5.64 3.55
CA MET A 236 3.95 -5.64 2.09
CA MET A 236 3.95 -5.65 2.10
C MET A 236 5.23 -4.90 1.77
N ASP A 237 6.34 -5.65 1.72
CA ASP A 237 7.63 -4.99 1.76
C ASP A 237 8.12 -4.45 0.43
N TYR A 238 7.57 -4.93 -0.70
CA TYR A 238 7.91 -4.39 -2.02
C TYR A 238 6.64 -4.37 -2.86
N TRP A 239 6.47 -3.31 -3.66
CA TRP A 239 5.29 -3.07 -4.49
C TRP A 239 5.71 -2.84 -5.93
N GLY A 240 4.95 -3.42 -6.86
CA GLY A 240 5.11 -3.04 -8.24
C GLY A 240 4.53 -1.67 -8.54
N GLN A 241 4.82 -1.18 -9.76
CA GLN A 241 4.29 0.11 -10.19
C GLN A 241 2.80 0.07 -10.51
N GLY A 242 2.25 -1.10 -10.79
CA GLY A 242 0.82 -1.24 -10.98
C GLY A 242 0.45 -1.45 -12.45
N THR A 243 -0.71 -2.09 -12.64
CA THR A 243 -1.34 -2.14 -13.96
C THR A 243 -2.78 -1.66 -13.81
N SER A 244 -3.24 -0.83 -14.74
CA SER A 244 -4.50 -0.10 -14.58
CA SER A 244 -4.50 -0.12 -14.57
C SER A 244 -5.66 -0.86 -15.21
N VAL A 245 -6.77 -0.98 -14.46
CA VAL A 245 -8.01 -1.63 -14.90
C VAL A 245 -9.11 -0.57 -14.91
N THR A 246 -9.77 -0.38 -16.04
CA THR A 246 -10.87 0.56 -16.14
C THR A 246 -12.10 -0.20 -16.61
N VAL A 247 -13.17 -0.17 -15.81
CA VAL A 247 -14.43 -0.84 -16.13
C VAL A 247 -15.51 0.22 -16.30
N SER A 248 -16.06 0.32 -17.51
CA SER A 248 -17.04 1.35 -17.75
C SER A 248 -17.98 0.93 -18.87
N SER A 249 -19.27 1.21 -18.70
CA SER A 249 -20.22 1.02 -19.78
C SER A 249 -19.87 1.86 -21.01
N LEU A 250 -19.00 2.87 -20.88
CA LEU A 250 -18.61 3.66 -22.03
C LEU A 250 -17.60 2.94 -22.92
N VAL A 251 -16.93 1.92 -22.41
CA VAL A 251 -16.06 1.07 -23.22
C VAL A 251 -16.87 0.37 -24.31
#